data_8B0V
#
_entry.id   8B0V
#
_cell.length_a   41.894
_cell.length_b   50.068
_cell.length_c   105.273
_cell.angle_alpha   90.000
_cell.angle_beta   90.000
_cell.angle_gamma   90.000
#
_symmetry.space_group_name_H-M   'P 21 21 21'
#
loop_
_entity.id
_entity.type
_entity.pdbx_description
1 polymer 'LexA repressor'
2 non-polymer 1,2-ETHANEDIOL
3 non-polymer 'CALCIUM ION'
4 non-polymer '2-(N-MORPHOLINO)-ETHANESULFONIC ACID'
5 water water
#
_entity_poly.entity_id   1
_entity_poly.type   'polypeptide(L)'
_entity_poly.pdbx_seq_one_letter_code
;GGLPVIGRVAADAPILAEQNIEESCRINPAFFNPRADYLLRVRGMSMKDIGILDGDLLAVHVTREARNGQVVVARIGEEV
TVKRFKREGSKVWLLAENPEFAPIEVDLKEQELIIEGLSVGVIRR
;
_entity_poly.pdbx_strand_id   A,B
#
loop_
_chem_comp.id
_chem_comp.type
_chem_comp.name
_chem_comp.formula
CA non-polymer 'CALCIUM ION' 'Ca 2'
EDO non-polymer 1,2-ETHANEDIOL 'C2 H6 O2'
MES non-polymer '2-(N-MORPHOLINO)-ETHANESULFONIC ACID' 'C6 H13 N O4 S'
#
# COMPACT_ATOMS: atom_id res chain seq x y z
N GLY A 2 -0.30 22.89 6.63
N GLY A 2 1.10 22.87 8.00
CA GLY A 2 -0.29 22.50 8.08
CA GLY A 2 -0.32 22.45 7.98
C GLY A 2 -0.03 21.00 8.32
C GLY A 2 -0.46 20.92 8.07
N LEU A 3 -0.78 20.43 9.27
CA LEU A 3 -0.97 19.00 9.46
C LEU A 3 -2.45 18.77 9.70
N PRO A 4 -3.15 18.01 8.80
CA PRO A 4 -4.54 17.65 9.04
C PRO A 4 -4.75 16.71 10.23
N VAL A 5 -5.78 17.02 11.04
CA VAL A 5 -6.12 16.17 12.18
C VAL A 5 -7.27 15.29 11.75
N ILE A 6 -7.14 13.97 11.99
CA ILE A 6 -8.04 12.99 11.41
C ILE A 6 -8.64 12.17 12.54
N GLY A 7 -9.97 12.10 12.55
CA GLY A 7 -10.72 11.33 13.53
C GLY A 7 -11.08 9.98 12.93
N ARG A 8 -12.39 9.75 12.75
CA ARG A 8 -12.82 8.49 12.16
C ARG A 8 -12.43 8.48 10.69
N VAL A 9 -12.20 7.27 10.16
CA VAL A 9 -11.70 7.08 8.81
C VAL A 9 -12.74 6.30 8.02
N ALA A 10 -13.17 6.87 6.89
CA ALA A 10 -14.16 6.25 6.03
C ALA A 10 -13.58 5.05 5.27
N ALA A 11 -14.44 4.04 5.07
CA ALA A 11 -14.21 2.90 4.19
C ALA A 11 -13.91 3.33 2.76
N ASP A 12 -13.00 2.59 2.11
CA ASP A 12 -12.61 2.62 0.69
C ASP A 12 -12.21 4.01 0.20
N ALA A 13 -11.88 4.93 1.14
CA ALA A 13 -11.31 6.23 0.81
C ALA A 13 -9.94 6.36 1.46
N PRO A 14 -8.97 7.10 0.84
CA PRO A 14 -7.67 7.33 1.46
C PRO A 14 -7.80 8.04 2.81
N ILE A 15 -6.85 7.82 3.71
CA ILE A 15 -6.94 8.40 5.09
C ILE A 15 -6.88 9.92 4.96
N LEU A 16 -6.23 10.42 3.93
CA LEU A 16 -6.06 11.89 3.80
C LEU A 16 -7.25 12.49 3.04
N ALA A 17 -8.32 11.73 2.84
CA ALA A 17 -9.51 12.27 2.18
C ALA A 17 -10.15 13.40 3.02
N GLU A 18 -10.64 14.44 2.31
CA GLU A 18 -11.13 15.64 2.95
C GLU A 18 -12.19 15.30 3.99
N GLN A 19 -13.01 14.32 3.66
CA GLN A 19 -14.10 13.87 4.51
C GLN A 19 -13.60 13.34 5.86
N ASN A 20 -12.30 13.03 5.98
CA ASN A 20 -11.76 12.56 7.24
C ASN A 20 -11.15 13.70 8.05
N ILE A 21 -10.94 14.90 7.46
CA ILE A 21 -10.14 15.89 8.15
C ILE A 21 -11.05 16.76 9.02
N GLU A 22 -10.74 16.84 10.32
CA GLU A 22 -11.49 17.70 11.24
C GLU A 22 -11.02 19.16 11.18
N GLU A 23 -9.70 19.37 11.25
CA GLU A 23 -9.14 20.71 11.22
C GLU A 23 -7.68 20.54 10.86
N SER A 24 -6.95 21.66 10.74
CA SER A 24 -5.50 21.64 10.53
C SER A 24 -4.77 22.20 11.73
N CYS A 25 -3.67 21.54 12.12
CA CYS A 25 -2.75 22.06 13.13
C CYS A 25 -1.66 22.84 12.41
N ARG A 26 -1.18 23.94 13.03
CA ARG A 26 -0.29 24.84 12.31
C ARG A 26 1.16 24.37 12.44
N ILE A 27 1.39 23.32 13.24
CA ILE A 27 2.74 22.80 13.39
C ILE A 27 3.32 22.46 12.02
N ASN A 28 4.63 22.70 11.89
CA ASN A 28 5.35 22.33 10.69
C ASN A 28 5.46 20.81 10.63
N PRO A 29 5.09 20.17 9.49
CA PRO A 29 5.33 18.74 9.30
C PRO A 29 6.75 18.29 9.61
N ALA A 30 7.74 19.13 9.27
CA ALA A 30 9.13 18.79 9.53
C ALA A 30 9.51 19.04 10.99
N PHE A 31 8.55 19.40 11.86
CA PHE A 31 8.83 19.37 13.29
C PHE A 31 9.22 17.94 13.69
N PHE A 32 8.70 16.98 12.93
CA PHE A 32 8.92 15.55 13.18
C PHE A 32 9.95 15.02 12.17
N ASN A 33 10.63 13.94 12.53
CA ASN A 33 11.57 13.30 11.64
C ASN A 33 11.46 11.77 11.72
N PRO A 34 11.13 11.09 10.62
CA PRO A 34 10.79 11.78 9.38
C PRO A 34 9.54 12.67 9.47
N ARG A 35 9.34 13.50 8.46
CA ARG A 35 8.29 14.49 8.40
C ARG A 35 6.91 13.82 8.56
N ALA A 36 6.01 14.46 9.32
CA ALA A 36 4.65 13.97 9.47
C ALA A 36 3.83 14.39 8.26
N ASP A 37 2.80 13.62 7.96
CA ASP A 37 1.82 13.92 6.91
C ASP A 37 0.44 14.23 7.52
N TYR A 38 0.14 13.64 8.68
CA TYR A 38 -1.13 13.86 9.36
C TYR A 38 -1.02 13.47 10.83
N LEU A 39 -2.04 13.88 11.60
CA LEU A 39 -2.22 13.50 12.98
C LEU A 39 -3.46 12.62 13.08
N LEU A 40 -3.34 11.43 13.69
CA LEU A 40 -4.49 10.52 13.74
C LEU A 40 -4.91 10.28 15.19
N ARG A 41 -6.22 10.41 15.49
CA ARG A 41 -6.67 10.27 16.86
C ARG A 41 -6.65 8.79 17.22
N VAL A 42 -6.00 8.45 18.34
CA VAL A 42 -5.88 7.09 18.82
C VAL A 42 -7.09 6.80 19.70
N ARG A 43 -7.64 5.57 19.61
CA ARG A 43 -8.76 5.22 20.48
C ARG A 43 -8.31 4.09 21.38
N GLY A 44 -8.62 4.20 22.68
CA GLY A 44 -8.37 3.12 23.64
C GLY A 44 -6.92 3.09 24.17
N MET A 45 -6.62 2.02 24.93
CA MET A 45 -5.41 1.98 25.73
C MET A 45 -4.48 0.86 25.27
N SER A 46 -4.67 0.34 24.04
CA SER A 46 -3.92 -0.80 23.54
C SER A 46 -2.43 -0.51 23.43
N MET A 47 -2.05 0.79 23.34
CA MET A 47 -0.65 1.15 23.14
C MET A 47 -0.06 1.93 24.34
N LYS A 48 -0.68 1.79 25.51
CA LYS A 48 -0.34 2.63 26.66
C LYS A 48 1.08 2.37 27.14
N ASP A 49 1.58 1.14 26.95
CA ASP A 49 2.87 0.76 27.50
C ASP A 49 4.03 1.49 26.83
N ILE A 50 3.81 2.14 25.66
CA ILE A 50 4.85 2.97 25.07
C ILE A 50 4.44 4.45 25.06
N GLY A 51 3.49 4.79 25.94
CA GLY A 51 3.09 6.15 26.20
C GLY A 51 2.20 6.72 25.11
N ILE A 52 1.45 5.88 24.40
CA ILE A 52 0.43 6.35 23.47
C ILE A 52 -0.93 6.06 24.09
N LEU A 53 -1.69 7.11 24.42
CA LEU A 53 -2.87 6.98 25.27
C LEU A 53 -4.11 7.34 24.45
N ASP A 54 -5.27 6.87 24.94
CA ASP A 54 -6.57 7.22 24.36
C ASP A 54 -6.65 8.72 24.13
N GLY A 55 -7.01 9.11 22.92
CA GLY A 55 -7.20 10.52 22.65
C GLY A 55 -5.95 11.20 22.11
N ASP A 56 -4.79 10.54 22.16
CA ASP A 56 -3.58 11.18 21.66
C ASP A 56 -3.71 11.35 20.15
N LEU A 57 -3.09 12.39 19.59
CA LEU A 57 -2.94 12.48 18.14
C LEU A 57 -1.59 11.89 17.74
N LEU A 58 -1.62 10.80 16.96
CA LEU A 58 -0.40 10.18 16.49
C LEU A 58 0.09 10.94 15.28
N ALA A 59 1.35 11.40 15.31
CA ALA A 59 1.98 11.96 14.10
C ALA A 59 2.43 10.81 13.23
N VAL A 60 1.99 10.82 11.96
CA VAL A 60 2.17 9.74 11.02
C VAL A 60 2.90 10.23 9.77
N HIS A 61 3.97 9.50 9.42
CA HIS A 61 4.67 9.58 8.14
C HIS A 61 4.14 8.51 7.18
N VAL A 62 3.56 8.98 6.06
CA VAL A 62 2.95 8.07 5.09
C VAL A 62 4.04 7.19 4.48
N THR A 63 3.81 5.87 4.56
CA THR A 63 4.60 4.86 3.88
C THR A 63 3.72 3.62 3.77
N ARG A 64 4.02 2.78 2.77
CA ARG A 64 3.19 1.63 2.50
C ARG A 64 3.89 0.34 2.91
N GLU A 65 5.15 0.43 3.37
CA GLU A 65 5.79 -0.79 3.83
C GLU A 65 6.13 -0.66 5.31
N ALA A 66 6.29 -1.82 5.97
CA ALA A 66 6.45 -1.88 7.41
C ALA A 66 7.52 -2.93 7.71
N ARG A 67 8.30 -2.68 8.76
CA ARG A 67 9.36 -3.58 9.18
C ARG A 67 9.04 -4.07 10.59
N ASN A 68 9.50 -5.28 10.91
CA ASN A 68 9.15 -5.86 12.19
C ASN A 68 9.49 -4.94 13.35
N GLY A 69 8.52 -4.74 14.26
CA GLY A 69 8.68 -3.95 15.45
C GLY A 69 8.32 -2.47 15.30
N GLN A 70 8.05 -2.03 14.06
CA GLN A 70 7.64 -0.64 13.87
C GLN A 70 6.20 -0.45 14.37
N VAL A 71 5.94 0.72 15.01
CA VAL A 71 4.60 1.15 15.39
C VAL A 71 3.95 1.80 14.16
N VAL A 72 2.90 1.16 13.62
CA VAL A 72 2.35 1.58 12.34
C VAL A 72 0.85 1.88 12.44
N VAL A 73 0.34 2.66 11.49
CA VAL A 73 -1.09 2.66 11.25
C VAL A 73 -1.44 1.62 10.17
N ALA A 74 -2.34 0.69 10.50
CA ALA A 74 -2.67 -0.38 9.56
C ALA A 74 -4.18 -0.34 9.30
N ARG A 75 -4.57 -0.70 8.07
CA ARG A 75 -5.98 -0.82 7.75
C ARG A 75 -6.26 -2.25 7.31
N ILE A 76 -7.12 -2.95 8.05
CA ILE A 76 -7.49 -4.32 7.76
C ILE A 76 -8.96 -4.31 7.41
N GLY A 77 -9.29 -4.65 6.15
CA GLY A 77 -10.60 -4.35 5.63
C GLY A 77 -10.80 -2.84 5.56
N GLU A 78 -11.63 -2.34 6.46
CA GLU A 78 -11.89 -0.92 6.60
C GLU A 78 -11.89 -0.55 8.07
N GLU A 79 -11.08 -1.27 8.85
CA GLU A 79 -10.81 -0.90 10.23
C GLU A 79 -9.37 -0.42 10.33
N VAL A 80 -9.17 0.78 10.89
CA VAL A 80 -7.84 1.35 11.06
C VAL A 80 -7.43 1.16 12.52
N THR A 81 -6.17 0.77 12.74
CA THR A 81 -5.65 0.50 14.07
C THR A 81 -4.21 0.99 14.15
N VAL A 82 -3.74 1.24 15.38
CA VAL A 82 -2.35 1.61 15.60
C VAL A 82 -1.75 0.47 16.44
N LYS A 83 -0.70 -0.18 15.92
CA LYS A 83 -0.18 -1.39 16.54
C LYS A 83 1.27 -1.59 16.13
N ARG A 84 1.98 -2.50 16.81
CA ARG A 84 3.31 -2.88 16.38
C ARG A 84 3.23 -4.00 15.34
N PHE A 85 3.94 -3.83 14.23
CA PHE A 85 3.89 -4.76 13.11
C PHE A 85 4.83 -5.96 13.34
N LYS A 86 4.33 -7.16 13.06
CA LYS A 86 5.20 -8.34 13.03
C LYS A 86 4.71 -9.28 11.93
N ARG A 87 5.62 -9.65 11.02
CA ARG A 87 5.29 -10.54 9.93
C ARG A 87 6.23 -11.75 9.93
N GLU A 88 5.68 -12.92 9.63
CA GLU A 88 6.48 -14.09 9.29
C GLU A 88 5.82 -14.72 8.06
N GLY A 89 6.51 -14.65 6.91
CA GLY A 89 5.96 -15.18 5.66
C GLY A 89 4.61 -14.52 5.31
N SER A 90 3.56 -15.34 5.26
CA SER A 90 2.24 -14.89 4.81
C SER A 90 1.34 -14.42 5.95
N LYS A 91 1.87 -14.40 7.18
CA LYS A 91 1.05 -14.02 8.31
C LYS A 91 1.61 -12.75 8.96
N VAL A 92 0.70 -11.91 9.46
CA VAL A 92 1.07 -10.71 10.17
C VAL A 92 0.33 -10.71 11.51
N TRP A 93 1.04 -10.31 12.57
CA TRP A 93 0.45 -10.03 13.87
C TRP A 93 0.55 -8.55 14.12
N LEU A 94 -0.58 -7.94 14.48
CA LEU A 94 -0.50 -6.54 14.90
C LEU A 94 -0.60 -6.54 16.43
N LEU A 95 0.54 -6.18 17.07
CA LEU A 95 0.75 -6.39 18.49
C LEU A 95 0.42 -5.14 19.28
N ALA A 96 -0.22 -5.36 20.43
CA ALA A 96 -0.49 -4.26 21.34
C ALA A 96 0.70 -4.02 22.28
N GLU A 97 0.74 -2.84 22.88
CA GLU A 97 1.68 -2.51 23.94
C GLU A 97 0.85 -2.37 25.21
N ASN A 98 0.19 -3.47 25.60
CA ASN A 98 -0.72 -3.53 26.73
C ASN A 98 -1.09 -5.01 26.91
N PRO A 99 -0.65 -5.68 28.00
CA PRO A 99 -0.85 -7.13 28.16
C PRO A 99 -2.29 -7.64 28.06
N GLU A 100 -3.29 -6.76 28.15
CA GLU A 100 -4.69 -7.18 28.18
C GLU A 100 -5.25 -7.34 26.77
N PHE A 101 -4.46 -6.96 25.76
CA PHE A 101 -4.88 -7.00 24.37
C PHE A 101 -4.11 -8.10 23.63
N ALA A 102 -4.86 -9.06 23.09
CA ALA A 102 -4.31 -10.17 22.32
C ALA A 102 -3.88 -9.68 20.94
N PRO A 103 -2.92 -10.35 20.25
CA PRO A 103 -2.53 -9.97 18.88
C PRO A 103 -3.71 -9.99 17.92
N ILE A 104 -3.79 -9.04 16.98
CA ILE A 104 -4.68 -9.19 15.83
C ILE A 104 -3.87 -9.90 14.74
N GLU A 105 -4.30 -11.11 14.34
CA GLU A 105 -3.61 -11.86 13.29
C GLU A 105 -4.28 -11.65 11.93
N VAL A 106 -3.46 -11.50 10.88
CA VAL A 106 -3.91 -11.24 9.52
C VAL A 106 -3.28 -12.28 8.59
N ASP A 107 -4.10 -12.92 7.76
CA ASP A 107 -3.61 -13.83 6.74
C ASP A 107 -3.51 -13.08 5.42
N LEU A 108 -2.27 -12.86 4.95
CA LEU A 108 -2.05 -12.00 3.81
C LEU A 108 -2.49 -12.70 2.52
N LYS A 109 -2.77 -14.00 2.59
CA LYS A 109 -3.31 -14.70 1.43
C LYS A 109 -4.82 -14.48 1.32
N GLU A 110 -5.45 -14.07 2.43
CA GLU A 110 -6.90 -14.02 2.50
C GLU A 110 -7.40 -12.60 2.59
N GLN A 111 -6.71 -11.77 3.40
N GLN A 111 -6.68 -11.76 3.34
CA GLN A 111 -7.16 -10.44 3.78
CA GLN A 111 -7.15 -10.44 3.71
C GLN A 111 -6.18 -9.41 3.21
C GLN A 111 -6.17 -9.39 3.19
N GLU A 112 -6.70 -8.28 2.71
CA GLU A 112 -5.88 -7.15 2.30
C GLU A 112 -5.41 -6.41 3.55
N LEU A 113 -4.11 -6.09 3.63
CA LEU A 113 -3.61 -5.25 4.70
C LEU A 113 -2.92 -4.08 4.04
N ILE A 114 -3.36 -2.87 4.38
CA ILE A 114 -2.67 -1.68 3.89
C ILE A 114 -1.96 -1.03 5.07
N ILE A 115 -0.65 -0.75 4.93
CA ILE A 115 0.07 0.10 5.88
C ILE A 115 -0.22 1.55 5.48
N GLU A 116 -0.77 2.35 6.41
CA GLU A 116 -1.06 3.75 6.12
C GLU A 116 0.10 4.64 6.55
N GLY A 117 0.97 4.16 7.44
CA GLY A 117 2.15 4.96 7.77
C GLY A 117 2.84 4.51 9.04
N LEU A 118 3.92 5.22 9.35
CA LEU A 118 4.78 4.97 10.50
C LEU A 118 4.57 6.07 11.53
N SER A 119 4.49 5.67 12.80
CA SER A 119 4.43 6.61 13.89
C SER A 119 5.75 7.38 14.03
N VAL A 120 5.70 8.73 14.02
CA VAL A 120 6.89 9.55 14.16
C VAL A 120 6.78 10.50 15.34
N GLY A 121 5.69 10.45 16.09
CA GLY A 121 5.52 11.36 17.23
C GLY A 121 4.09 11.34 17.74
N VAL A 122 3.82 12.19 18.75
CA VAL A 122 2.50 12.34 19.34
C VAL A 122 2.26 13.79 19.72
N ILE A 123 1.01 14.24 19.56
CA ILE A 123 0.52 15.44 20.25
C ILE A 123 -0.64 15.03 21.16
N ARG A 124 -0.51 15.33 22.46
CA ARG A 124 -1.57 15.11 23.44
C ARG A 124 -2.14 16.47 23.86
N ARG A 125 -3.46 16.63 23.78
CA ARG A 125 -4.07 17.84 24.32
C ARG A 125 -5.33 17.53 25.16
N GLY B 2 7.71 -23.00 -8.89
CA GLY B 2 6.92 -22.41 -10.03
C GLY B 2 6.37 -21.02 -9.71
N LEU B 3 5.61 -20.45 -10.65
CA LEU B 3 5.03 -19.12 -10.56
C LEU B 3 3.55 -19.21 -10.95
N PRO B 4 2.63 -18.68 -10.10
CA PRO B 4 1.22 -18.55 -10.49
C PRO B 4 0.98 -17.52 -11.60
N VAL B 5 0.04 -17.79 -12.50
CA VAL B 5 -0.38 -16.86 -13.54
C VAL B 5 -1.72 -16.25 -13.13
N ILE B 6 -1.76 -14.92 -13.05
CA ILE B 6 -2.92 -14.18 -12.58
C ILE B 6 -3.53 -13.48 -13.78
N GLY B 7 -4.82 -13.77 -14.02
CA GLY B 7 -5.57 -13.21 -15.14
C GLY B 7 -6.60 -12.17 -14.70
N ARG B 8 -7.39 -12.50 -13.68
CA ARG B 8 -8.30 -11.51 -13.10
C ARG B 8 -7.88 -11.17 -11.67
N VAL B 9 -8.23 -9.96 -11.25
CA VAL B 9 -7.89 -9.50 -9.92
C VAL B 9 -9.18 -9.12 -9.21
N ALA B 10 -9.53 -9.88 -8.16
CA ALA B 10 -10.74 -9.59 -7.40
C ALA B 10 -10.61 -8.27 -6.63
N ALA B 11 -11.74 -7.57 -6.49
CA ALA B 11 -11.81 -6.36 -5.68
C ALA B 11 -11.61 -6.68 -4.20
N ASP B 12 -10.79 -5.86 -3.54
CA ASP B 12 -10.67 -5.83 -2.08
C ASP B 12 -10.11 -7.14 -1.54
N ALA B 13 -9.31 -7.83 -2.38
CA ALA B 13 -8.61 -9.06 -2.01
C ALA B 13 -7.15 -8.96 -2.46
N PRO B 14 -6.22 -9.67 -1.77
CA PRO B 14 -4.80 -9.66 -2.16
C PRO B 14 -4.68 -10.23 -3.57
N ILE B 15 -3.72 -9.69 -4.34
CA ILE B 15 -3.58 -10.12 -5.73
C ILE B 15 -3.19 -11.60 -5.78
N LEU B 16 -2.40 -12.05 -4.79
CA LEU B 16 -1.92 -13.42 -4.75
C LEU B 16 -2.93 -14.39 -4.15
N ALA B 17 -4.18 -13.97 -3.99
CA ALA B 17 -5.20 -14.88 -3.46
C ALA B 17 -5.43 -16.06 -4.41
N GLU B 18 -5.65 -17.28 -3.87
CA GLU B 18 -5.86 -18.48 -4.68
C GLU B 18 -6.92 -18.29 -5.78
N GLN B 19 -7.96 -17.50 -5.50
CA GLN B 19 -9.10 -17.38 -6.40
C GLN B 19 -8.75 -16.53 -7.63
N ASN B 20 -7.59 -15.85 -7.59
CA ASN B 20 -7.08 -15.13 -8.73
C ASN B 20 -6.21 -15.98 -9.66
N ILE B 21 -5.84 -17.20 -9.25
CA ILE B 21 -4.83 -17.95 -9.99
C ILE B 21 -5.47 -18.73 -11.15
N GLU B 22 -5.13 -18.38 -12.39
CA GLU B 22 -5.69 -19.07 -13.59
C GLU B 22 -4.94 -20.36 -13.87
N GLU B 23 -3.65 -20.39 -13.56
CA GLU B 23 -2.81 -21.56 -13.88
C GLU B 23 -1.42 -21.38 -13.28
N SER B 24 -0.51 -22.28 -13.62
CA SER B 24 0.85 -22.23 -13.06
C SER B 24 1.90 -22.41 -14.15
N CYS B 25 3.05 -21.78 -13.99
CA CYS B 25 4.19 -21.86 -14.89
C CYS B 25 5.36 -22.45 -14.11
N ARG B 26 6.15 -23.32 -14.76
CA ARG B 26 7.12 -24.15 -14.05
C ARG B 26 8.42 -23.38 -13.81
N ILE B 27 8.55 -22.19 -14.44
CA ILE B 27 9.73 -21.37 -14.28
C ILE B 27 9.99 -21.11 -12.80
N ASN B 28 11.27 -21.26 -12.39
CA ASN B 28 11.68 -20.89 -11.05
C ASN B 28 11.59 -19.39 -10.84
N PRO B 29 11.08 -18.95 -9.67
CA PRO B 29 11.09 -17.53 -9.31
C PRO B 29 12.45 -16.83 -9.36
N ALA B 30 13.52 -17.53 -8.97
CA ALA B 30 14.86 -16.97 -8.97
C ALA B 30 15.45 -16.87 -10.39
N PHE B 31 14.70 -17.30 -11.40
CA PHE B 31 15.14 -17.00 -12.76
C PHE B 31 15.26 -15.48 -12.91
N PHE B 32 14.40 -14.74 -12.20
CA PHE B 32 14.34 -13.29 -12.32
C PHE B 32 15.06 -12.67 -11.13
N ASN B 33 15.47 -11.39 -11.28
CA ASN B 33 16.15 -10.67 -10.21
C ASN B 33 15.70 -9.21 -10.17
N PRO B 34 15.10 -8.73 -9.06
CA PRO B 34 14.74 -9.62 -7.94
C PRO B 34 13.80 -10.78 -8.27
N ARG B 35 13.63 -11.69 -7.32
CA ARG B 35 12.85 -12.90 -7.50
C ARG B 35 11.36 -12.60 -7.77
N ALA B 36 10.76 -13.32 -8.74
CA ALA B 36 9.37 -13.11 -9.12
C ALA B 36 8.45 -13.82 -8.13
N ASP B 37 7.29 -13.22 -7.89
CA ASP B 37 6.27 -13.83 -7.04
C ASP B 37 5.08 -14.31 -7.86
N TYR B 38 4.79 -13.65 -9.00
CA TYR B 38 3.74 -14.15 -9.88
C TYR B 38 3.92 -13.55 -11.27
N LEU B 39 3.10 -14.02 -12.21
CA LEU B 39 3.07 -13.53 -13.58
C LEU B 39 1.69 -12.92 -13.79
N LEU B 40 1.62 -11.73 -14.37
CA LEU B 40 0.33 -11.09 -14.55
C LEU B 40 0.08 -10.85 -16.03
N ARG B 41 -1.11 -11.23 -16.54
CA ARG B 41 -1.39 -10.98 -17.95
C ARG B 41 -1.60 -9.49 -18.20
N VAL B 42 -0.82 -8.95 -19.16
CA VAL B 42 -0.94 -7.55 -19.54
C VAL B 42 -2.11 -7.44 -20.55
N ARG B 43 -2.90 -6.36 -20.42
CA ARG B 43 -3.96 -6.13 -21.38
C ARG B 43 -3.71 -4.83 -22.14
N GLY B 44 -3.82 -4.88 -23.47
CA GLY B 44 -3.71 -3.68 -24.29
C GLY B 44 -2.26 -3.30 -24.59
N MET B 45 -2.07 -2.19 -25.31
CA MET B 45 -0.79 -1.83 -25.89
C MET B 45 -0.26 -0.53 -25.28
N SER B 46 -0.70 -0.22 -24.05
CA SER B 46 -0.30 1.03 -23.43
C SER B 46 1.21 1.07 -23.16
N MET B 47 1.89 -0.08 -23.19
CA MET B 47 3.31 -0.11 -22.87
C MET B 47 4.15 -0.65 -24.04
N LYS B 48 3.62 -0.58 -25.27
CA LYS B 48 4.29 -1.18 -26.42
C LYS B 48 5.69 -0.58 -26.68
N ASP B 49 5.90 0.71 -26.39
CA ASP B 49 7.18 1.33 -26.75
C ASP B 49 8.35 0.84 -25.87
N ILE B 50 8.09 0.06 -24.81
CA ILE B 50 9.18 -0.62 -24.11
C ILE B 50 9.02 -2.13 -24.29
N GLY B 51 8.37 -2.55 -25.39
CA GLY B 51 8.29 -3.96 -25.74
C GLY B 51 7.42 -4.79 -24.80
N ILE B 52 6.40 -4.19 -24.20
CA ILE B 52 5.44 -4.96 -23.42
C ILE B 52 4.09 -4.89 -24.12
N LEU B 53 3.63 -6.05 -24.59
CA LEU B 53 2.57 -6.05 -25.59
C LEU B 53 1.35 -6.74 -24.99
N ASP B 54 0.19 -6.44 -25.56
CA ASP B 54 -1.05 -7.08 -25.16
C ASP B 54 -0.86 -8.60 -25.08
N GLY B 55 -1.24 -9.20 -23.95
CA GLY B 55 -1.14 -10.64 -23.81
C GLY B 55 0.18 -11.12 -23.20
N ASP B 56 1.17 -10.24 -23.07
CA ASP B 56 2.41 -10.68 -22.42
C ASP B 56 2.12 -11.00 -20.96
N LEU B 57 2.93 -11.89 -20.36
CA LEU B 57 2.89 -12.11 -18.92
C LEU B 57 3.99 -11.29 -18.24
N LEU B 58 3.62 -10.37 -17.35
CA LEU B 58 4.61 -9.60 -16.61
C LEU B 58 5.08 -10.40 -15.38
N ALA B 59 6.40 -10.59 -15.25
CA ALA B 59 6.90 -11.17 -14.01
C ALA B 59 6.97 -10.07 -12.96
N VAL B 60 6.38 -10.33 -11.78
CA VAL B 60 6.17 -9.27 -10.80
C VAL B 60 6.80 -9.65 -9.47
N HIS B 61 7.62 -8.74 -8.93
CA HIS B 61 8.15 -8.89 -7.58
C HIS B 61 7.30 -8.04 -6.61
N VAL B 62 6.75 -8.70 -5.59
CA VAL B 62 5.86 -8.04 -4.64
C VAL B 62 6.58 -6.96 -3.83
N THR B 63 6.00 -5.75 -3.82
CA THR B 63 6.45 -4.62 -3.03
C THR B 63 5.30 -3.62 -2.98
N ARG B 64 5.21 -2.83 -1.91
CA ARG B 64 4.15 -1.85 -1.78
C ARG B 64 4.62 -0.43 -2.04
N GLU B 65 5.92 -0.26 -2.25
N GLU B 65 5.93 -0.24 -2.23
CA GLU B 65 6.51 1.05 -2.48
CA GLU B 65 6.48 1.08 -2.48
C GLU B 65 7.15 1.06 -3.87
C GLU B 65 7.16 1.08 -3.85
N ALA B 66 7.00 2.19 -4.57
CA ALA B 66 7.56 2.32 -5.91
C ALA B 66 8.43 3.57 -5.93
N ARG B 67 9.43 3.59 -6.82
CA ARG B 67 10.31 4.73 -7.00
C ARG B 67 10.10 5.32 -8.40
N ASN B 68 10.31 6.63 -8.53
CA ASN B 68 10.20 7.28 -9.81
C ASN B 68 10.98 6.50 -10.87
N GLY B 69 10.31 6.25 -12.00
CA GLY B 69 10.88 5.63 -13.18
C GLY B 69 10.59 4.13 -13.27
N GLN B 70 10.08 3.51 -12.20
CA GLN B 70 9.96 2.05 -12.18
C GLN B 70 8.68 1.65 -12.90
N VAL B 71 8.74 0.50 -13.60
CA VAL B 71 7.53 -0.08 -14.16
C VAL B 71 6.88 -0.94 -13.08
N VAL B 72 5.63 -0.58 -12.75
CA VAL B 72 4.95 -1.12 -11.59
C VAL B 72 3.58 -1.68 -11.98
N VAL B 73 3.08 -2.61 -11.18
CA VAL B 73 1.66 -2.91 -11.24
C VAL B 73 0.98 -2.04 -10.20
N ALA B 74 -0.07 -1.35 -10.62
CA ALA B 74 -0.81 -0.45 -9.70
C ALA B 74 -2.30 -0.80 -9.65
N ARG B 75 -2.89 -0.74 -8.46
CA ARG B 75 -4.36 -0.88 -8.34
C ARG B 75 -4.92 0.51 -8.04
N ILE B 76 -5.59 1.11 -9.01
CA ILE B 76 -6.21 2.45 -8.79
C ILE B 76 -7.70 2.17 -8.62
N GLY B 77 -8.18 2.30 -7.39
CA GLY B 77 -9.55 1.89 -7.12
C GLY B 77 -9.52 0.38 -7.01
N GLU B 78 -10.12 -0.29 -7.97
CA GLU B 78 -10.04 -1.77 -7.99
C GLU B 78 -9.54 -2.19 -9.37
N GLU B 79 -9.08 -1.23 -10.15
CA GLU B 79 -8.54 -1.54 -11.50
C GLU B 79 -7.02 -1.75 -11.45
N VAL B 80 -6.56 -2.85 -12.03
CA VAL B 80 -5.10 -3.15 -12.07
C VAL B 80 -4.54 -2.71 -13.41
N THR B 81 -3.43 -1.97 -13.37
CA THR B 81 -2.81 -1.49 -14.59
C THR B 81 -1.27 -1.64 -14.52
N VAL B 82 -0.61 -1.64 -15.68
CA VAL B 82 0.84 -1.73 -15.72
C VAL B 82 1.31 -0.43 -16.34
N LYS B 83 2.07 0.35 -15.56
CA LYS B 83 2.41 1.72 -15.93
C LYS B 83 3.76 2.08 -15.32
N ARG B 84 4.38 3.15 -15.85
CA ARG B 84 5.58 3.67 -15.24
C ARG B 84 5.21 4.70 -14.15
N PHE B 85 5.88 4.57 -13.00
CA PHE B 85 5.56 5.34 -11.81
C PHE B 85 6.26 6.71 -11.79
N LYS B 86 5.49 7.78 -11.48
CA LYS B 86 6.09 9.08 -11.22
C LYS B 86 5.26 9.82 -10.18
N ARG B 87 5.89 10.15 -9.05
CA ARG B 87 5.21 10.82 -7.95
C ARG B 87 5.55 12.32 -7.93
N GLU B 88 4.50 13.16 -7.92
CA GLU B 88 4.61 14.61 -7.81
C GLU B 88 3.97 15.09 -6.50
N GLY B 89 4.76 15.04 -5.42
CA GLY B 89 4.26 15.28 -4.08
C GLY B 89 3.08 14.37 -3.73
N SER B 90 1.89 14.97 -3.56
CA SER B 90 0.67 14.25 -3.24
C SER B 90 -0.03 13.76 -4.51
N LYS B 91 0.62 13.97 -5.67
CA LYS B 91 0.13 13.45 -6.94
C LYS B 91 1.02 12.30 -7.41
N VAL B 92 0.38 11.32 -8.06
CA VAL B 92 1.10 10.24 -8.71
C VAL B 92 0.68 10.23 -10.17
N TRP B 93 1.67 10.05 -11.04
CA TRP B 93 1.41 9.86 -12.45
C TRP B 93 1.70 8.41 -12.81
N LEU B 94 0.76 7.77 -13.49
CA LEU B 94 0.99 6.44 -14.03
C LEU B 94 1.11 6.63 -15.53
N LEU B 95 2.36 6.61 -16.00
CA LEU B 95 2.70 7.00 -17.35
C LEU B 95 2.66 5.77 -18.24
N ALA B 96 2.00 5.89 -19.39
CA ALA B 96 2.01 4.85 -20.40
C ALA B 96 3.28 5.01 -21.26
N GLU B 97 3.60 3.96 -22.02
CA GLU B 97 4.75 3.99 -22.95
C GLU B 97 4.15 3.83 -24.34
N ASN B 98 3.35 4.79 -24.76
CA ASN B 98 2.61 4.74 -26.05
C ASN B 98 1.93 6.10 -26.17
N PRO B 99 2.42 7.00 -27.05
CA PRO B 99 1.87 8.35 -27.11
C PRO B 99 0.35 8.43 -27.30
N GLU B 100 -0.31 7.33 -27.61
CA GLU B 100 -1.73 7.27 -27.86
C GLU B 100 -2.52 7.15 -26.54
N PHE B 101 -1.81 7.11 -25.39
CA PHE B 101 -2.43 6.96 -24.08
C PHE B 101 -1.97 8.06 -23.15
N ALA B 102 -2.93 8.80 -22.58
CA ALA B 102 -2.60 9.92 -21.71
C ALA B 102 -2.09 9.40 -20.37
N PRO B 103 -1.22 10.14 -19.65
CA PRO B 103 -0.83 9.77 -18.28
C PRO B 103 -2.09 9.67 -17.43
N ILE B 104 -2.18 8.67 -16.53
CA ILE B 104 -3.29 8.59 -15.58
C ILE B 104 -2.85 9.34 -14.33
N GLU B 105 -3.59 10.39 -13.95
CA GLU B 105 -3.31 11.13 -12.73
C GLU B 105 -4.06 10.51 -11.54
N VAL B 106 -3.36 10.37 -10.41
CA VAL B 106 -3.97 9.91 -9.18
C VAL B 106 -3.68 10.97 -8.12
N ASP B 107 -4.75 11.44 -7.49
CA ASP B 107 -4.58 12.27 -6.31
C ASP B 107 -4.63 11.35 -5.09
N LEU B 108 -3.51 11.26 -4.36
CA LEU B 108 -3.38 10.29 -3.28
C LEU B 108 -4.35 10.63 -2.15
N LYS B 109 -4.92 11.84 -2.19
CA LYS B 109 -5.83 12.31 -1.15
C LYS B 109 -7.25 11.81 -1.36
N GLU B 110 -7.67 11.66 -2.64
N GLU B 110 -7.69 11.57 -2.61
CA GLU B 110 -9.05 11.33 -2.98
CA GLU B 110 -9.07 11.19 -2.77
C GLU B 110 -9.20 9.90 -3.49
C GLU B 110 -9.25 9.92 -3.62
N GLN B 111 -8.16 9.35 -4.14
CA GLN B 111 -8.24 8.02 -4.73
C GLN B 111 -7.30 7.03 -4.05
N GLU B 112 -7.76 5.81 -3.82
CA GLU B 112 -6.88 4.79 -3.25
C GLU B 112 -5.97 4.26 -4.36
N LEU B 113 -4.69 4.14 -4.05
CA LEU B 113 -3.71 3.57 -4.97
C LEU B 113 -2.91 2.56 -4.16
N ILE B 114 -2.87 1.31 -4.65
CA ILE B 114 -1.99 0.30 -4.08
C ILE B 114 -0.99 -0.11 -5.17
N ILE B 115 0.31 -0.04 -4.84
CA ILE B 115 1.33 -0.64 -5.68
C ILE B 115 1.34 -2.13 -5.38
N GLU B 116 1.16 -2.97 -6.40
CA GLU B 116 1.09 -4.41 -6.17
C GLU B 116 2.48 -5.03 -6.38
N GLY B 117 3.34 -4.33 -7.13
CA GLY B 117 4.70 -4.80 -7.21
C GLY B 117 5.47 -4.18 -8.35
N LEU B 118 6.68 -4.71 -8.54
CA LEU B 118 7.69 -4.18 -9.44
C LEU B 118 7.86 -5.19 -10.58
N SER B 119 7.86 -4.71 -11.83
CA SER B 119 8.15 -5.58 -12.95
C SER B 119 9.61 -6.04 -12.91
N VAL B 120 9.85 -7.37 -12.99
CA VAL B 120 11.21 -7.91 -13.04
C VAL B 120 11.44 -8.71 -14.33
N GLY B 121 10.44 -8.77 -15.20
CA GLY B 121 10.60 -9.47 -16.47
C GLY B 121 9.29 -9.63 -17.24
N VAL B 122 9.37 -10.38 -18.35
CA VAL B 122 8.23 -10.60 -19.21
C VAL B 122 8.38 -11.99 -19.83
N ILE B 123 7.26 -12.68 -19.98
CA ILE B 123 7.20 -13.88 -20.80
C ILE B 123 6.14 -13.69 -21.87
N ARG B 124 6.58 -13.84 -23.14
CA ARG B 124 5.69 -13.67 -24.26
C ARG B 124 5.53 -15.03 -24.94
N ARG B 125 4.29 -15.43 -25.21
CA ARG B 125 4.07 -16.65 -25.96
C ARG B 125 2.88 -16.52 -26.93
C1 EDO C . 10.36 10.70 16.40
O1 EDO C . 10.00 9.79 15.39
C2 EDO C . 10.44 12.12 15.94
O2 EDO C . 10.16 12.30 14.58
CA CA D . -7.85 16.18 19.45
C1 EDO E . 10.67 2.63 13.34
O1 EDO E . 10.67 3.47 14.48
C2 EDO E . 11.61 3.08 12.31
O2 EDO E . 12.34 2.01 11.75
O1 MES F . 1.41 -5.07 3.42
C2 MES F . 2.24 -3.94 3.57
C3 MES F . 3.71 -4.31 3.57
N4 MES F . 3.98 -5.29 4.66
C5 MES F . 3.05 -6.45 4.54
C6 MES F . 1.62 -5.99 4.49
C7 MES F . 5.41 -5.72 4.68
C8 MES F . 6.37 -4.68 4.15
S MES F . 8.08 -5.19 4.27
O1S MES F . 8.36 -5.94 3.08
O2S MES F . 8.17 -5.98 5.46
O3S MES F . 8.85 -3.98 4.35
O1 MES G . 10.60 -5.89 -17.56
C2 MES G . 9.86 -4.71 -17.82
C3 MES G . 10.76 -3.55 -18.11
N4 MES G . 11.70 -3.34 -16.97
C5 MES G . 12.45 -4.60 -16.72
C6 MES G . 11.46 -5.70 -16.45
C7 MES G . 12.62 -2.20 -17.25
C8 MES G . 12.20 -1.41 -18.47
S MES G . 12.81 0.25 -18.42
O1S MES G . 14.24 0.12 -18.50
O2S MES G . 12.25 0.92 -19.55
O3S MES G . 12.37 0.80 -17.18
CA CA H . -9.73 -1.51 -1.78
C1 EDO I . -19.20 -6.36 -10.53
O1 EDO I . -20.47 -5.76 -10.53
C2 EDO I . -18.51 -6.44 -11.84
O2 EDO I . -17.14 -6.76 -11.69
#